data_1P5G
#
_entry.id   1P5G
#
_cell.length_a   70.591
_cell.length_b   74.372
_cell.length_c   85.994
_cell.angle_alpha   90.00
_cell.angle_beta   90.00
_cell.angle_gamma   90.00
#
_symmetry.space_group_name_H-M   'P 21 21 21'
#
loop_
_entity.id
_entity.type
_entity.pdbx_description
1 polymer Phosphomannomutase
2 non-polymer 6-O-phosphono-alpha-D-glucopyranose
3 non-polymer 'ZINC ION'
4 water water
#
_entity_poly.entity_id   1
_entity_poly.type   'polypeptide(L)'
_entity_poly.pdbx_seq_one_letter_code
;MSTAKAPTLPASIFRAYDIRGVVGDTLTAETAYWIGRAIGSESLARGEPCVAVGRDGRLSGPELVKQLIQGLVDCGCQVS
DVGMVPTPVLYYAANVLEGKSGVMLTG(SEP)HNPPDYNGFKIVVAGETLANEQIQALRERIEKNDLASGVGSVEQVDIL
PRYFKQIRDDIAMAKPMKVVVDCGNGVAGVIAPQLIEALGCSVIPLYCEVDGNFPNHHPDPGKPENLKDLIAKVKAENAD
LGLAFDGDGDRVGVVTNTGTIIYPDRLLMLFAKDVVSRNPGADIIFDVKCTRRLIALISGYGGRPVMWKTGHSLIKKKMK
ETGALLAGEMSGHVFFKERWFGFDDGIYSAARLLEILSQDQRDSEHVFSAFPSDISTPEINITVTEDSKFAIIEALQRDA
QWGEGNITTLDGVRVDYPKGWGLVRASNTTPVLVLRFEADTEEELERIKTVFRNQLKAVDSSLPVPF
;
_entity_poly.pdbx_strand_id   X
#
# COMPACT_ATOMS: atom_id res chain seq x y z
N LEU A 9 -23.77 3.31 -13.01
CA LEU A 9 -22.63 3.86 -12.24
C LEU A 9 -21.51 4.30 -13.18
N PRO A 10 -20.74 5.31 -12.77
CA PRO A 10 -19.62 5.77 -13.60
C PRO A 10 -18.50 4.73 -13.66
N ALA A 11 -17.99 4.49 -14.86
CA ALA A 11 -16.95 3.52 -15.07
C ALA A 11 -15.63 3.89 -14.42
N SER A 12 -15.38 5.19 -14.30
CA SER A 12 -14.08 5.68 -13.86
C SER A 12 -13.72 5.28 -12.43
N ILE A 13 -14.71 4.94 -11.61
CA ILE A 13 -14.42 4.56 -10.21
C ILE A 13 -13.92 3.13 -10.09
N PHE A 14 -14.10 2.33 -11.14
CA PHE A 14 -13.63 0.95 -11.16
C PHE A 14 -12.20 0.94 -11.70
N ARG A 15 -11.26 0.87 -10.78
N ARG A 15 -11.25 0.95 -10.78
CA ARG A 15 -9.86 1.05 -11.10
CA ARG A 15 -9.84 1.10 -11.12
C ARG A 15 -9.10 -0.28 -11.07
C ARG A 15 -9.10 -0.24 -11.04
N ALA A 16 -7.81 -0.23 -11.37
CA ALA A 16 -7.00 -1.43 -11.42
C ALA A 16 -6.90 -2.12 -10.06
N TYR A 17 -6.69 -1.35 -9.01
CA TYR A 17 -6.34 -1.94 -7.71
C TYR A 17 -7.54 -2.09 -6.79
N ASP A 18 -8.50 -1.19 -6.99
N ASP A 18 -8.57 -1.30 -7.06
CA ASP A 18 -9.62 -1.00 -6.07
CA ASP A 18 -9.72 -1.21 -6.16
C ASP A 18 -10.74 -0.24 -6.78
C ASP A 18 -10.68 -0.16 -6.73
N ILE A 19 -11.74 0.15 -5.99
CA ILE A 19 -12.74 1.14 -6.39
C ILE A 19 -12.50 2.44 -5.62
N ARG A 20 -12.55 3.57 -6.31
CA ARG A 20 -12.27 4.86 -5.67
C ARG A 20 -13.01 5.96 -6.43
N GLY A 21 -13.67 6.83 -5.68
CA GLY A 21 -14.40 7.94 -6.26
C GLY A 21 -14.55 9.11 -5.31
N VAL A 22 -15.29 10.13 -5.75
CA VAL A 22 -15.52 11.33 -4.96
C VAL A 22 -16.97 11.35 -4.52
N VAL A 23 -17.19 11.36 -3.20
CA VAL A 23 -18.53 11.36 -2.65
C VAL A 23 -19.26 12.67 -3.02
N GLY A 24 -20.52 12.53 -3.43
CA GLY A 24 -21.32 13.62 -3.96
C GLY A 24 -21.21 13.77 -5.48
N ASP A 25 -20.20 13.14 -6.06
CA ASP A 25 -19.90 13.28 -7.48
C ASP A 25 -19.96 11.86 -8.09
N THR A 26 -18.84 11.14 -8.13
CA THR A 26 -18.82 9.81 -8.75
C THR A 26 -19.18 8.63 -7.80
N LEU A 27 -19.29 8.91 -6.50
CA LEU A 27 -19.63 7.87 -5.54
C LEU A 27 -20.78 8.34 -4.67
N THR A 28 -21.94 7.69 -4.80
CA THR A 28 -23.09 8.01 -3.94
C THR A 28 -23.49 6.82 -3.07
N ALA A 29 -24.41 7.06 -2.13
CA ALA A 29 -25.02 6.02 -1.32
C ALA A 29 -25.58 4.88 -2.18
N GLU A 30 -26.32 5.22 -3.23
CA GLU A 30 -26.92 4.20 -4.08
C GLU A 30 -25.84 3.35 -4.78
N THR A 31 -24.76 4.00 -5.19
CA THR A 31 -23.66 3.28 -5.83
C THR A 31 -23.01 2.31 -4.85
N ALA A 32 -22.85 2.71 -3.59
CA ALA A 32 -22.33 1.81 -2.57
C ALA A 32 -23.23 0.57 -2.39
N TYR A 33 -24.54 0.75 -2.44
CA TYR A 33 -25.49 -0.36 -2.30
C TYR A 33 -25.26 -1.39 -3.40
N TRP A 34 -25.22 -0.92 -4.65
CA TRP A 34 -25.09 -1.82 -5.80
C TRP A 34 -23.71 -2.45 -5.84
N ILE A 35 -22.69 -1.73 -5.42
CA ILE A 35 -21.36 -2.33 -5.27
C ILE A 35 -21.43 -3.48 -4.24
N GLY A 36 -22.12 -3.27 -3.12
CA GLY A 36 -22.31 -4.34 -2.16
C GLY A 36 -23.05 -5.53 -2.77
N ARG A 37 -24.09 -5.26 -3.54
CA ARG A 37 -24.78 -6.35 -4.24
C ARG A 37 -23.81 -7.12 -5.14
N ALA A 38 -22.97 -6.41 -5.89
CA ALA A 38 -22.05 -7.06 -6.82
C ALA A 38 -21.04 -7.91 -6.07
N ILE A 39 -20.48 -7.36 -4.99
CA ILE A 39 -19.48 -8.08 -4.22
C ILE A 39 -20.09 -9.32 -3.57
N GLY A 40 -21.28 -9.20 -2.99
CA GLY A 40 -21.90 -10.33 -2.35
C GLY A 40 -22.22 -11.42 -3.36
N SER A 41 -22.62 -11.03 -4.57
CA SER A 41 -22.89 -11.98 -5.63
C SER A 41 -21.62 -12.74 -6.01
N GLU A 42 -20.51 -12.03 -6.17
CA GLU A 42 -19.24 -12.69 -6.50
C GLU A 42 -18.77 -13.59 -5.35
N SER A 43 -18.95 -13.15 -4.10
CA SER A 43 -18.53 -13.97 -2.97
C SER A 43 -19.31 -15.28 -2.95
N LEU A 44 -20.63 -15.19 -3.14
CA LEU A 44 -21.47 -16.38 -3.21
C LEU A 44 -21.10 -17.28 -4.38
N ALA A 45 -20.74 -16.68 -5.52
CA ALA A 45 -20.30 -17.44 -6.69
C ALA A 45 -19.04 -18.26 -6.39
N ARG A 46 -18.23 -17.78 -5.43
CA ARG A 46 -17.02 -18.49 -4.98
C ARG A 46 -17.22 -19.36 -3.75
N GLY A 47 -18.48 -19.56 -3.35
CA GLY A 47 -18.85 -20.42 -2.25
C GLY A 47 -18.70 -19.82 -0.87
N GLU A 48 -18.66 -18.51 -0.79
CA GLU A 48 -18.43 -17.81 0.48
C GLU A 48 -19.57 -16.84 0.83
N PRO A 49 -20.46 -17.26 1.71
CA PRO A 49 -21.54 -16.36 2.15
C PRO A 49 -21.11 -15.34 3.22
N CYS A 50 -19.96 -15.54 3.84
CA CYS A 50 -19.52 -14.70 4.95
C CYS A 50 -18.59 -13.60 4.49
N VAL A 51 -18.95 -12.36 4.79
CA VAL A 51 -18.21 -11.18 4.34
C VAL A 51 -18.02 -10.20 5.49
N ALA A 52 -16.78 -9.87 5.82
CA ALA A 52 -16.46 -8.87 6.84
C ALA A 52 -16.53 -7.48 6.20
N VAL A 53 -16.97 -6.49 6.96
CA VAL A 53 -17.01 -5.12 6.48
C VAL A 53 -16.43 -4.16 7.49
N GLY A 54 -15.54 -3.28 7.02
CA GLY A 54 -14.91 -2.24 7.82
C GLY A 54 -14.97 -0.92 7.11
N ARG A 55 -14.79 0.18 7.86
CA ARG A 55 -14.66 1.51 7.27
C ARG A 55 -13.57 2.30 7.99
N ASP A 56 -13.01 3.28 7.32
CA ASP A 56 -12.00 4.14 7.91
C ASP A 56 -12.70 5.31 8.62
N GLY A 57 -11.95 6.37 8.91
CA GLY A 57 -12.47 7.52 9.64
C GLY A 57 -12.98 8.70 8.82
N ARG A 58 -13.36 8.46 7.57
CA ARG A 58 -13.84 9.51 6.70
C ARG A 58 -15.27 9.94 7.02
N LEU A 59 -15.59 11.18 6.64
CA LEU A 59 -16.88 11.78 6.96
C LEU A 59 -18.04 11.01 6.34
N SER A 60 -17.82 10.48 5.14
CA SER A 60 -18.84 9.73 4.40
C SER A 60 -18.94 8.25 4.81
N GLY A 61 -18.04 7.80 5.69
CA GLY A 61 -18.05 6.43 6.18
C GLY A 61 -19.39 5.87 6.62
N PRO A 62 -20.03 6.49 7.62
CA PRO A 62 -21.36 6.03 8.06
C PRO A 62 -22.39 5.91 6.94
N GLU A 63 -22.55 6.93 6.11
CA GLU A 63 -23.54 6.91 5.03
C GLU A 63 -23.31 5.73 4.08
N LEU A 64 -22.09 5.60 3.57
CA LEU A 64 -21.81 4.63 2.54
C LEU A 64 -21.73 3.22 3.12
N VAL A 65 -21.23 3.04 4.34
CA VAL A 65 -21.07 1.67 4.88
C VAL A 65 -22.41 0.98 5.11
N LYS A 66 -23.43 1.75 5.50
CA LYS A 66 -24.75 1.18 5.71
C LYS A 66 -25.29 0.60 4.41
N GLN A 67 -25.04 1.30 3.31
CA GLN A 67 -25.49 0.84 2.00
C GLN A 67 -24.72 -0.36 1.48
N LEU A 68 -23.41 -0.35 1.70
CA LEU A 68 -22.56 -1.47 1.36
C LEU A 68 -23.05 -2.73 2.08
N ILE A 69 -23.30 -2.60 3.38
CA ILE A 69 -23.79 -3.72 4.18
C ILE A 69 -25.16 -4.20 3.69
N GLN A 70 -26.09 -3.28 3.43
CA GLN A 70 -27.40 -3.71 2.94
C GLN A 70 -27.32 -4.41 1.59
N GLY A 71 -26.43 -3.95 0.72
CA GLY A 71 -26.22 -4.62 -0.55
C GLY A 71 -25.76 -6.06 -0.37
N LEU A 72 -24.81 -6.27 0.51
CA LEU A 72 -24.37 -7.63 0.83
C LEU A 72 -25.50 -8.46 1.44
N VAL A 73 -26.22 -7.87 2.40
CA VAL A 73 -27.35 -8.54 3.06
C VAL A 73 -28.42 -8.97 2.05
N ASP A 74 -28.70 -8.10 1.08
CA ASP A 74 -29.70 -8.35 0.06
C ASP A 74 -29.31 -9.43 -0.95
N CYS A 75 -28.07 -9.91 -0.90
CA CYS A 75 -27.66 -11.11 -1.65
C CYS A 75 -27.92 -12.42 -0.93
N GLY A 76 -28.13 -12.33 0.39
CA GLY A 76 -28.13 -13.46 1.28
C GLY A 76 -26.83 -13.68 2.01
N CYS A 77 -25.94 -12.70 1.98
CA CYS A 77 -24.66 -12.83 2.69
C CYS A 77 -24.83 -12.63 4.20
N GLN A 78 -23.95 -13.27 4.95
CA GLN A 78 -23.79 -13.06 6.39
C GLN A 78 -22.64 -12.08 6.60
N VAL A 79 -22.99 -10.86 7.00
CA VAL A 79 -22.00 -9.80 7.18
C VAL A 79 -21.47 -9.76 8.60
N SER A 80 -20.15 -9.63 8.74
CA SER A 80 -19.49 -9.37 10.04
C SER A 80 -19.05 -7.92 10.03
N ASP A 81 -19.78 -7.07 10.73
CA ASP A 81 -19.53 -5.64 10.71
C ASP A 81 -18.53 -5.31 11.80
N VAL A 82 -17.29 -4.99 11.42
CA VAL A 82 -16.23 -4.66 12.38
C VAL A 82 -16.11 -3.19 12.72
N GLY A 83 -17.02 -2.38 12.20
CA GLY A 83 -17.05 -0.96 12.50
C GLY A 83 -15.93 -0.18 11.84
N MET A 84 -15.44 0.83 12.55
CA MET A 84 -14.39 1.73 12.08
C MET A 84 -13.07 1.14 12.48
N VAL A 85 -12.26 0.74 11.51
CA VAL A 85 -10.96 0.10 11.77
C VAL A 85 -9.96 0.50 10.70
N PRO A 86 -8.68 0.32 10.95
CA PRO A 86 -7.70 0.42 9.86
C PRO A 86 -7.93 -0.66 8.80
N THR A 87 -7.63 -0.33 7.56
CA THR A 87 -7.66 -1.32 6.48
C THR A 87 -7.04 -2.67 6.84
N PRO A 88 -5.81 -2.74 7.35
CA PRO A 88 -5.26 -4.07 7.69
C PRO A 88 -6.07 -4.83 8.72
N VAL A 89 -6.79 -4.14 9.60
CA VAL A 89 -7.64 -4.81 10.57
C VAL A 89 -8.83 -5.48 9.86
N LEU A 90 -9.38 -4.84 8.83
CA LEU A 90 -10.39 -5.50 8.02
C LEU A 90 -9.76 -6.72 7.32
N TYR A 91 -8.55 -6.57 6.76
CA TYR A 91 -7.90 -7.72 6.13
C TYR A 91 -7.68 -8.83 7.15
N TYR A 92 -7.33 -8.45 8.37
CA TYR A 92 -7.13 -9.41 9.44
C TYR A 92 -8.42 -10.20 9.70
N ALA A 93 -9.53 -9.49 9.81
CA ALA A 93 -10.84 -10.13 10.00
C ALA A 93 -11.08 -11.18 8.91
N ALA A 94 -10.80 -10.84 7.66
CA ALA A 94 -11.06 -11.72 6.55
C ALA A 94 -10.08 -12.91 6.50
N ASN A 95 -9.06 -12.91 7.36
CA ASN A 95 -8.13 -14.04 7.50
C ASN A 95 -8.43 -14.89 8.73
N VAL A 96 -8.98 -14.32 9.80
CA VAL A 96 -9.13 -15.08 11.05
C VAL A 96 -10.55 -15.53 11.33
N LEU A 97 -11.54 -14.84 10.76
CA LEU A 97 -12.91 -15.31 10.88
C LEU A 97 -13.10 -16.55 9.99
N GLU A 98 -14.21 -17.25 10.14
CA GLU A 98 -14.45 -18.44 9.32
C GLU A 98 -14.60 -18.05 7.83
N GLY A 99 -15.21 -16.89 7.58
CA GLY A 99 -15.37 -16.35 6.24
C GLY A 99 -14.11 -15.68 5.74
N LYS A 100 -13.83 -15.82 4.44
CA LYS A 100 -12.59 -15.32 3.85
C LYS A 100 -12.80 -14.17 2.88
N SER A 101 -13.99 -13.57 2.90
CA SER A 101 -14.25 -12.38 2.12
C SER A 101 -14.34 -11.16 3.03
N GLY A 102 -14.01 -10.00 2.49
CA GLY A 102 -14.04 -8.78 3.25
C GLY A 102 -14.05 -7.57 2.36
N VAL A 103 -14.70 -6.49 2.81
CA VAL A 103 -14.72 -5.23 2.07
C VAL A 103 -14.34 -4.11 3.04
N MET A 104 -13.34 -3.32 2.66
CA MET A 104 -12.97 -2.11 3.38
C MET A 104 -13.43 -0.88 2.64
N LEU A 105 -14.25 -0.08 3.29
CA LEU A 105 -14.68 1.23 2.77
C LEU A 105 -13.65 2.27 3.16
N THR A 106 -12.83 2.65 2.19
CA THR A 106 -11.78 3.63 2.41
C THR A 106 -11.41 4.43 1.16
N GLY A 107 -11.03 5.67 1.40
CA GLY A 107 -10.43 6.55 0.41
C GLY A 107 -8.93 6.71 0.62
N HIS A 109 -5.43 7.72 1.23
CA HIS A 109 -4.72 8.96 1.58
C HIS A 109 -5.27 10.19 0.86
N ASN A 110 -6.34 10.01 0.09
CA ASN A 110 -6.93 11.06 -0.74
C ASN A 110 -7.64 12.10 0.12
N PRO A 111 -7.95 13.26 -0.47
CA PRO A 111 -8.65 14.31 0.28
C PRO A 111 -9.98 13.84 0.89
N PRO A 112 -10.51 14.59 1.83
CA PRO A 112 -11.63 14.19 2.69
C PRO A 112 -12.85 13.61 1.99
N ASP A 113 -13.21 14.15 0.83
N ASP A 113 -13.11 14.14 0.80
CA ASP A 113 -14.43 13.75 0.14
CA ASP A 113 -14.32 13.87 0.03
C ASP A 113 -14.29 12.45 -0.65
C ASP A 113 -14.23 12.58 -0.78
N TYR A 114 -13.08 11.92 -0.75
CA TYR A 114 -12.86 10.69 -1.52
C TYR A 114 -13.24 9.49 -0.63
N ASN A 115 -13.75 8.45 -1.27
CA ASN A 115 -13.95 7.15 -0.60
C ASN A 115 -13.88 6.06 -1.66
N GLY A 116 -14.16 4.81 -1.27
CA GLY A 116 -13.89 3.70 -2.16
C GLY A 116 -13.92 2.36 -1.42
N PHE A 117 -13.51 1.32 -2.11
CA PHE A 117 -13.65 -0.05 -1.63
C PHE A 117 -12.41 -0.87 -2.00
N LYS A 118 -11.85 -1.53 -1.00
CA LYS A 118 -10.80 -2.53 -1.19
C LYS A 118 -11.44 -3.88 -0.87
N ILE A 119 -11.29 -4.84 -1.78
CA ILE A 119 -12.17 -6.00 -1.81
C ILE A 119 -11.40 -7.32 -1.82
N VAL A 120 -11.75 -8.20 -0.90
CA VAL A 120 -11.21 -9.54 -0.83
C VAL A 120 -12.37 -10.51 -0.96
N VAL A 121 -12.29 -11.46 -1.90
CA VAL A 121 -13.35 -12.45 -2.05
C VAL A 121 -12.74 -13.86 -2.00
N ALA A 122 -13.21 -14.67 -1.06
CA ALA A 122 -12.72 -16.05 -0.91
C ALA A 122 -11.19 -16.11 -0.92
N GLY A 123 -10.58 -15.19 -0.16
CA GLY A 123 -9.15 -15.14 0.08
C GLY A 123 -8.36 -14.28 -0.89
N GLU A 124 -8.96 -13.93 -2.02
CA GLU A 124 -8.24 -13.21 -3.08
C GLU A 124 -8.60 -11.73 -3.16
N THR A 125 -7.58 -10.86 -3.20
CA THR A 125 -7.81 -9.43 -3.34
C THR A 125 -8.05 -9.14 -4.81
N LEU A 126 -9.21 -8.58 -5.12
CA LEU A 126 -9.58 -8.37 -6.49
C LEU A 126 -8.76 -7.25 -7.14
N ALA A 127 -8.50 -7.42 -8.43
CA ALA A 127 -7.86 -6.39 -9.26
C ALA A 127 -8.30 -6.52 -10.70
N ASN A 128 -8.06 -5.45 -11.46
CA ASN A 128 -8.14 -5.44 -12.91
C ASN A 128 -9.47 -6.00 -13.41
N GLU A 129 -9.47 -7.11 -14.15
CA GLU A 129 -10.70 -7.66 -14.75
C GLU A 129 -11.74 -8.02 -13.69
N GLN A 130 -11.30 -8.38 -12.49
CA GLN A 130 -12.23 -8.77 -11.43
C GLN A 130 -13.01 -7.58 -10.89
N ILE A 131 -12.36 -6.41 -10.85
N ILE A 131 -12.37 -6.40 -10.85
CA ILE A 131 -13.02 -5.17 -10.45
CA ILE A 131 -13.07 -5.19 -10.44
C ILE A 131 -14.01 -4.76 -11.55
C ILE A 131 -14.03 -4.73 -11.56
N GLN A 132 -13.58 -4.83 -12.82
CA GLN A 132 -14.50 -4.59 -13.92
C GLN A 132 -15.69 -5.55 -13.92
N ALA A 133 -15.47 -6.80 -13.48
CA ALA A 133 -16.53 -7.81 -13.45
C ALA A 133 -17.65 -7.40 -12.48
N LEU A 134 -17.29 -6.70 -11.40
CA LEU A 134 -18.31 -6.13 -10.50
C LEU A 134 -19.19 -5.09 -11.17
N ARG A 135 -18.55 -4.16 -11.88
CA ARG A 135 -19.26 -3.13 -12.65
C ARG A 135 -20.20 -3.82 -13.64
N GLU A 136 -19.70 -4.85 -14.31
CA GLU A 136 -20.45 -5.57 -15.34
C GLU A 136 -21.63 -6.31 -14.73
N ARG A 137 -21.49 -6.87 -13.52
CA ARG A 137 -22.61 -7.54 -12.87
C ARG A 137 -23.76 -6.58 -12.66
N ILE A 138 -23.46 -5.36 -12.22
CA ILE A 138 -24.50 -4.37 -11.95
C ILE A 138 -25.19 -3.97 -13.26
N GLU A 139 -24.42 -3.75 -14.32
CA GLU A 139 -25.00 -3.36 -15.61
C GLU A 139 -25.93 -4.46 -16.13
N LYS A 140 -25.54 -5.71 -15.92
CA LYS A 140 -26.27 -6.89 -16.45
C LYS A 140 -27.39 -7.36 -15.55
N ASN A 141 -27.48 -6.78 -14.35
CA ASN A 141 -28.31 -7.32 -13.27
C ASN A 141 -28.02 -8.80 -12.98
N ASP A 142 -26.76 -9.18 -13.08
CA ASP A 142 -26.31 -10.54 -12.75
C ASP A 142 -25.95 -10.53 -11.27
N LEU A 143 -27.01 -10.48 -10.45
CA LEU A 143 -26.93 -10.25 -9.02
C LEU A 143 -27.76 -11.25 -8.24
N ALA A 144 -27.18 -11.72 -7.14
CA ALA A 144 -27.86 -12.60 -6.20
C ALA A 144 -28.92 -11.86 -5.42
N SER A 145 -29.93 -12.60 -5.00
CA SER A 145 -31.00 -12.09 -4.17
C SER A 145 -31.25 -13.07 -3.01
N GLY A 146 -31.30 -12.56 -1.79
CA GLY A 146 -31.55 -13.39 -0.63
C GLY A 146 -31.75 -12.56 0.63
N VAL A 147 -31.98 -13.25 1.73
CA VAL A 147 -32.21 -12.61 3.01
C VAL A 147 -31.02 -12.93 3.90
N GLY A 148 -30.07 -12.01 3.92
CA GLY A 148 -28.85 -12.18 4.67
C GLY A 148 -29.00 -11.68 6.10
N SER A 149 -27.87 -11.41 6.73
CA SER A 149 -27.86 -11.05 8.14
C SER A 149 -26.61 -10.24 8.45
N VAL A 150 -26.64 -9.49 9.54
CA VAL A 150 -25.48 -8.75 10.04
C VAL A 150 -25.22 -9.05 11.49
N GLU A 151 -23.96 -9.35 11.81
CA GLU A 151 -23.51 -9.55 13.20
C GLU A 151 -22.42 -8.54 13.46
N GLN A 152 -22.42 -8.04 14.70
N GLN A 152 -22.44 -7.89 14.62
CA GLN A 152 -21.38 -7.14 15.18
CA GLN A 152 -21.33 -6.99 14.95
C GLN A 152 -20.18 -7.99 15.55
C GLN A 152 -20.21 -7.83 15.58
N VAL A 153 -18.98 -7.54 15.14
CA VAL A 153 -17.78 -8.22 15.57
C VAL A 153 -16.78 -7.15 16.04
N ASP A 154 -16.31 -7.29 17.26
CA ASP A 154 -15.33 -6.41 17.86
C ASP A 154 -13.96 -7.05 17.73
N ILE A 155 -13.26 -6.75 16.62
CA ILE A 155 -12.03 -7.48 16.26
C ILE A 155 -10.73 -6.81 16.71
N LEU A 156 -10.78 -5.52 17.02
CA LEU A 156 -9.56 -4.80 17.27
C LEU A 156 -8.80 -5.38 18.48
N PRO A 157 -9.46 -5.73 19.59
CA PRO A 157 -8.70 -6.35 20.68
C PRO A 157 -7.96 -7.63 20.28
N ARG A 158 -8.54 -8.47 19.44
CA ARG A 158 -7.85 -9.68 18.98
C ARG A 158 -6.61 -9.36 18.14
N TYR A 159 -6.74 -8.39 17.26
CA TYR A 159 -5.63 -7.92 16.43
C TYR A 159 -4.50 -7.38 17.29
N PHE A 160 -4.85 -6.55 18.25
CA PHE A 160 -3.91 -5.91 19.16
C PHE A 160 -3.11 -6.99 19.89
N LYS A 161 -3.81 -7.97 20.43
CA LYS A 161 -3.19 -9.05 21.20
C LYS A 161 -2.30 -9.96 20.32
N GLN A 162 -2.77 -10.24 19.12
CA GLN A 162 -2.03 -11.07 18.18
C GLN A 162 -0.66 -10.44 17.91
N ILE A 163 -0.63 -9.14 17.67
CA ILE A 163 0.63 -8.45 17.41
C ILE A 163 1.47 -8.38 18.68
N ARG A 164 0.90 -7.90 19.78
CA ARG A 164 1.65 -7.72 21.02
C ARG A 164 2.33 -9.01 21.45
N ASP A 165 1.63 -10.13 21.31
CA ASP A 165 2.11 -11.42 21.82
C ASP A 165 3.22 -12.03 20.98
N ASP A 166 3.41 -11.54 19.75
CA ASP A 166 4.46 -12.05 18.91
C ASP A 166 5.63 -11.09 18.68
N ILE A 167 5.57 -9.90 19.24
CA ILE A 167 6.66 -8.94 19.11
C ILE A 167 7.45 -8.89 20.42
N ALA A 168 8.77 -8.98 20.33
CA ALA A 168 9.62 -8.94 21.53
C ALA A 168 10.69 -7.87 21.40
N MET A 169 10.35 -6.69 21.89
CA MET A 169 11.31 -5.60 21.93
C MET A 169 12.34 -5.91 23.02
N ALA A 170 13.60 -5.63 22.72
CA ALA A 170 14.71 -6.00 23.59
C ALA A 170 15.05 -4.87 24.57
N LYS A 171 14.61 -3.68 24.23
CA LYS A 171 14.79 -2.52 25.10
C LYS A 171 13.75 -1.45 24.73
N PRO A 172 13.51 -0.50 25.62
CA PRO A 172 12.54 0.56 25.34
C PRO A 172 13.03 1.60 24.31
N MET A 173 12.09 2.14 23.55
CA MET A 173 12.36 3.21 22.59
C MET A 173 11.33 4.34 22.77
N LYS A 174 11.70 5.57 22.41
CA LYS A 174 10.77 6.70 22.40
C LYS A 174 10.49 7.01 20.94
N VAL A 175 9.21 7.06 20.59
CA VAL A 175 8.77 7.08 19.20
C VAL A 175 7.71 8.15 19.04
N VAL A 176 7.88 9.03 18.06
CA VAL A 176 6.83 9.96 17.71
C VAL A 176 5.96 9.26 16.66
N VAL A 177 4.65 9.32 16.85
CA VAL A 177 3.71 8.66 15.95
C VAL A 177 2.73 9.68 15.39
N ASP A 178 2.79 9.88 14.07
CA ASP A 178 1.92 10.82 13.38
C ASP A 178 0.86 10.04 12.61
N CYS A 179 -0.40 10.13 13.02
CA CYS A 179 -1.50 9.44 12.35
C CYS A 179 -2.21 10.28 11.30
N GLY A 180 -1.87 11.57 11.20
CA GLY A 180 -2.47 12.41 10.18
C GLY A 180 -3.98 12.57 10.28
N ASN A 181 -4.51 12.40 11.49
CA ASN A 181 -5.94 12.43 11.79
C ASN A 181 -6.72 11.33 11.06
N GLY A 182 -6.01 10.30 10.61
CA GLY A 182 -6.63 9.16 10.00
C GLY A 182 -7.02 8.12 11.04
N VAL A 183 -7.45 6.96 10.59
CA VAL A 183 -7.98 5.96 11.49
C VAL A 183 -6.89 5.21 12.28
N ALA A 184 -5.61 5.36 11.93
CA ALA A 184 -4.56 4.64 12.68
C ALA A 184 -4.50 5.05 14.16
N GLY A 185 -5.09 6.19 14.50
CA GLY A 185 -5.15 6.63 15.88
C GLY A 185 -5.98 5.78 16.81
N VAL A 186 -6.77 4.85 16.27
CA VAL A 186 -7.56 3.94 17.11
C VAL A 186 -6.71 2.83 17.75
N ILE A 187 -5.48 2.66 17.27
CA ILE A 187 -4.63 1.57 17.76
C ILE A 187 -3.14 1.83 17.77
N ALA A 188 -2.59 2.54 16.79
CA ALA A 188 -1.14 2.59 16.65
C ALA A 188 -0.39 3.13 17.87
N PRO A 189 -0.73 4.32 18.39
CA PRO A 189 -0.03 4.80 19.58
C PRO A 189 -0.21 3.85 20.78
N GLN A 190 -1.39 3.27 20.91
CA GLN A 190 -1.72 2.38 22.03
C GLN A 190 -0.92 1.08 21.93
N LEU A 191 -0.85 0.53 20.72
CA LEU A 191 -0.14 -0.73 20.50
C LEU A 191 1.38 -0.52 20.63
N ILE A 192 1.92 0.56 20.04
CA ILE A 192 3.35 0.81 20.13
C ILE A 192 3.77 1.03 21.59
N GLU A 193 3.00 1.75 22.37
CA GLU A 193 3.26 1.79 23.80
C GLU A 193 3.25 0.40 24.46
N ALA A 194 2.26 -0.42 24.14
CA ALA A 194 2.13 -1.74 24.73
C ALA A 194 3.31 -2.67 24.39
N LEU A 195 3.97 -2.41 23.26
CA LEU A 195 5.16 -3.17 22.86
C LEU A 195 6.33 -2.87 23.79
N GLY A 196 6.31 -1.70 24.42
CA GLY A 196 7.37 -1.26 25.33
C GLY A 196 8.06 0.03 24.89
N CYS A 197 7.26 0.98 24.39
CA CYS A 197 7.76 2.28 23.95
C CYS A 197 7.08 3.41 24.73
N SER A 198 7.71 4.57 24.76
CA SER A 198 7.02 5.82 25.01
C SER A 198 6.59 6.41 23.69
N VAL A 199 5.35 6.85 23.61
CA VAL A 199 4.85 7.41 22.37
C VAL A 199 4.43 8.85 22.52
N ILE A 200 4.99 9.70 21.65
CA ILE A 200 4.58 11.08 21.49
C ILE A 200 3.60 11.13 20.32
N PRO A 201 2.34 11.39 20.58
CA PRO A 201 1.33 11.41 19.50
C PRO A 201 1.32 12.74 18.74
N LEU A 202 1.16 12.64 17.43
CA LEU A 202 0.91 13.78 16.58
C LEU A 202 -0.31 13.49 15.71
N TYR A 203 -1.35 14.31 15.85
CA TYR A 203 -2.54 14.21 15.01
C TYR A 203 -3.16 12.81 15.10
N CYS A 204 -3.29 12.32 16.32
CA CYS A 204 -3.79 10.98 16.52
C CYS A 204 -5.27 10.94 16.86
N GLU A 205 -5.93 12.11 16.93
CA GLU A 205 -7.37 12.16 16.97
C GLU A 205 -7.94 11.89 15.56
N VAL A 206 -8.86 10.97 15.47
CA VAL A 206 -9.51 10.65 14.19
C VAL A 206 -10.40 11.84 13.77
N ASP A 207 -10.13 12.41 12.60
CA ASP A 207 -10.90 13.56 12.13
C ASP A 207 -10.89 13.59 10.60
N GLY A 208 -12.02 13.20 10.01
CA GLY A 208 -12.15 13.09 8.56
C GLY A 208 -12.06 14.39 7.76
N ASN A 209 -11.99 15.52 8.45
CA ASN A 209 -11.70 16.80 7.80
C ASN A 209 -10.21 17.00 7.51
N PHE A 210 -9.37 16.11 8.05
CA PHE A 210 -7.92 16.23 7.94
C PHE A 210 -7.42 17.68 8.07
N PRO A 211 -7.72 18.32 9.20
CA PRO A 211 -7.45 19.76 9.40
C PRO A 211 -5.97 20.12 9.49
N ASN A 212 -5.13 19.12 9.70
CA ASN A 212 -3.70 19.33 9.66
C ASN A 212 -3.24 18.79 8.31
N HIS A 213 -2.05 18.20 8.22
CA HIS A 213 -1.61 17.70 6.94
C HIS A 213 -2.44 16.47 6.54
N HIS A 214 -2.60 16.24 5.24
CA HIS A 214 -3.31 15.03 4.82
C HIS A 214 -2.44 13.84 5.22
N PRO A 215 -3.08 12.73 5.56
CA PRO A 215 -2.35 11.56 6.02
C PRO A 215 -1.74 10.80 4.82
N ASP A 216 -0.63 11.34 4.31
CA ASP A 216 0.01 10.86 3.09
C ASP A 216 1.54 10.97 3.33
N PRO A 217 2.13 9.97 3.98
CA PRO A 217 3.56 10.00 4.34
C PRO A 217 4.53 9.82 3.17
N GLY A 218 4.03 9.68 1.95
CA GLY A 218 4.87 9.58 0.78
C GLY A 218 5.43 10.92 0.35
N LYS A 219 4.78 12.01 0.79
CA LYS A 219 5.23 13.38 0.50
C LYS A 219 6.07 13.90 1.69
N PRO A 220 7.29 14.36 1.43
CA PRO A 220 8.15 14.92 2.49
C PRO A 220 7.48 16.02 3.32
N GLU A 221 6.61 16.82 2.70
CA GLU A 221 5.93 17.92 3.39
C GLU A 221 5.03 17.45 4.53
N ASN A 222 4.44 16.27 4.36
CA ASN A 222 3.60 15.67 5.39
C ASN A 222 4.39 14.98 6.50
N LEU A 223 5.72 15.01 6.41
CA LEU A 223 6.60 14.52 7.47
C LEU A 223 7.32 15.65 8.21
N LYS A 224 7.11 16.90 7.79
CA LYS A 224 7.85 18.03 8.38
C LYS A 224 7.65 18.13 9.90
N ASP A 225 6.38 18.05 10.33
CA ASP A 225 6.03 18.12 11.75
C ASP A 225 6.59 16.93 12.54
N LEU A 226 6.51 15.73 11.98
CA LEU A 226 7.09 14.54 12.57
C LEU A 226 8.60 14.71 12.79
N ILE A 227 9.30 15.15 11.74
CA ILE A 227 10.76 15.31 11.80
C ILE A 227 11.15 16.33 12.87
N ALA A 228 10.41 17.44 12.93
CA ALA A 228 10.69 18.48 13.94
C ALA A 228 10.47 17.96 15.35
N LYS A 229 9.43 17.16 15.55
CA LYS A 229 9.10 16.63 16.87
C LYS A 229 10.11 15.58 17.31
N VAL A 230 10.57 14.74 16.38
CA VAL A 230 11.60 13.76 16.69
C VAL A 230 12.83 14.48 17.23
N LYS A 231 13.24 15.52 16.54
CA LYS A 231 14.41 16.28 16.94
C LYS A 231 14.18 16.96 18.29
N ALA A 232 13.05 17.66 18.44
CA ALA A 232 12.78 18.42 19.68
C ALA A 232 12.72 17.53 20.93
N GLU A 233 12.16 16.33 20.78
CA GLU A 233 11.99 15.41 21.91
C GLU A 233 13.12 14.39 22.04
N ASN A 234 14.14 14.49 21.19
CA ASN A 234 15.23 13.50 21.15
C ASN A 234 14.69 12.05 21.10
N ALA A 235 13.73 11.84 20.21
CA ALA A 235 13.14 10.51 20.03
C ALA A 235 14.05 9.60 19.23
N ASP A 236 13.86 8.30 19.39
CA ASP A 236 14.63 7.29 18.67
C ASP A 236 14.19 7.05 17.24
N LEU A 237 12.95 7.44 16.93
CA LEU A 237 12.33 7.10 15.65
C LEU A 237 11.06 7.91 15.49
N GLY A 238 10.70 8.22 14.26
CA GLY A 238 9.38 8.75 13.95
C GLY A 238 8.68 7.84 12.97
N LEU A 239 7.36 7.70 13.16
CA LEU A 239 6.54 6.91 12.25
C LEU A 239 5.35 7.73 11.83
N ALA A 240 4.98 7.63 10.56
CA ALA A 240 3.78 8.30 10.06
C ALA A 240 2.92 7.27 9.36
N PHE A 241 1.62 7.32 9.57
CA PHE A 241 0.70 6.42 8.90
C PHE A 241 -0.16 7.15 7.88
N ASP A 242 -0.57 6.46 6.81
CA ASP A 242 -1.53 7.07 5.90
C ASP A 242 -2.93 6.92 6.50
N GLY A 243 -3.92 7.45 5.79
CA GLY A 243 -5.25 7.61 6.35
C GLY A 243 -5.88 6.33 6.83
N ASP A 244 -5.60 5.22 6.14
CA ASP A 244 -6.26 3.95 6.47
C ASP A 244 -5.32 2.92 7.14
N GLY A 245 -4.05 3.26 7.28
CA GLY A 245 -3.10 2.47 8.04
C GLY A 245 -2.43 1.30 7.34
N ASP A 246 -2.57 1.22 6.01
CA ASP A 246 -1.85 0.19 5.27
C ASP A 246 -0.50 0.64 4.74
N ARG A 247 -0.15 1.90 4.98
N ARG A 247 -0.15 1.89 5.04
CA ARG A 247 1.16 2.43 4.62
CA ARG A 247 1.11 2.49 4.62
C ARG A 247 1.80 3.09 5.81
C ARG A 247 1.79 3.04 5.86
N VAL A 248 3.13 2.98 5.88
CA VAL A 248 3.91 3.57 6.95
C VAL A 248 5.07 4.35 6.32
N GLY A 249 5.44 5.46 6.95
CA GLY A 249 6.62 6.24 6.62
C GLY A 249 7.49 6.30 7.86
N VAL A 250 8.81 6.37 7.66
CA VAL A 250 9.78 6.24 8.74
C VAL A 250 10.81 7.37 8.69
N VAL A 251 11.13 7.88 9.86
CA VAL A 251 12.13 8.92 10.03
C VAL A 251 13.09 8.49 11.14
N THR A 252 14.40 8.68 10.96
CA THR A 252 15.38 8.27 11.95
C THR A 252 15.47 9.30 13.07
N ASN A 253 16.25 8.99 14.08
CA ASN A 253 16.45 9.89 15.21
C ASN A 253 17.10 11.23 14.83
N THR A 254 17.76 11.28 13.68
CA THR A 254 18.30 12.54 13.14
C THR A 254 17.40 13.22 12.08
N GLY A 255 16.25 12.63 11.77
CA GLY A 255 15.29 13.26 10.88
C GLY A 255 15.35 12.77 9.43
N THR A 256 16.25 11.82 9.14
CA THR A 256 16.37 11.24 7.80
C THR A 256 15.13 10.42 7.46
N ILE A 257 14.56 10.70 6.30
CA ILE A 257 13.46 9.91 5.76
C ILE A 257 14.02 8.62 5.17
N ILE A 258 13.46 7.50 5.62
CA ILE A 258 13.87 6.18 5.15
C ILE A 258 12.78 5.72 4.20
N TYR A 259 13.07 5.71 2.92
CA TYR A 259 12.04 5.35 1.96
C TYR A 259 11.78 3.86 2.03
N PRO A 260 10.58 3.44 1.63
CA PRO A 260 10.18 2.06 1.84
C PRO A 260 11.09 1.01 1.19
N ASP A 261 11.77 1.31 0.07
CA ASP A 261 12.66 0.33 -0.50
C ASP A 261 13.90 0.02 0.37
N ARG A 262 14.36 0.99 1.14
N ARG A 262 14.35 1.02 1.11
CA ARG A 262 15.45 0.75 2.09
CA ARG A 262 15.41 0.89 2.11
C ARG A 262 14.97 0.18 3.43
C ARG A 262 14.94 0.17 3.37
N LEU A 263 13.74 0.51 3.82
CA LEU A 263 13.09 -0.20 4.91
C LEU A 263 13.01 -1.70 4.58
N LEU A 264 12.65 -2.01 3.34
CA LEU A 264 12.59 -3.38 2.88
C LEU A 264 13.92 -4.11 2.97
N MET A 265 15.04 -3.38 2.85
CA MET A 265 16.35 -4.01 3.03
C MET A 265 16.49 -4.61 4.42
N LEU A 266 16.07 -3.84 5.44
CA LEU A 266 16.18 -4.26 6.80
C LEU A 266 15.24 -5.43 7.06
N PHE A 267 14.02 -5.34 6.55
CA PHE A 267 13.03 -6.41 6.72
C PHE A 267 13.43 -7.68 5.96
N ALA A 268 14.00 -7.54 4.77
CA ALA A 268 14.41 -8.69 3.97
C ALA A 268 15.54 -9.44 4.65
N LYS A 269 16.51 -8.71 5.19
CA LYS A 269 17.55 -9.33 5.97
C LYS A 269 16.94 -10.14 7.14
N ASP A 270 15.99 -9.55 7.87
CA ASP A 270 15.29 -10.22 8.98
C ASP A 270 14.56 -11.52 8.57
N VAL A 271 13.70 -11.40 7.58
CA VAL A 271 12.91 -12.54 7.13
C VAL A 271 13.80 -13.63 6.54
N VAL A 272 14.73 -13.27 5.67
CA VAL A 272 15.58 -14.28 5.03
C VAL A 272 16.49 -15.00 6.04
N SER A 273 16.88 -14.29 7.11
CA SER A 273 17.75 -14.89 8.12
C SER A 273 17.16 -16.14 8.75
N ARG A 274 15.82 -16.23 8.84
CA ARG A 274 15.13 -17.39 9.43
C ARG A 274 14.52 -18.32 8.36
N ASN A 275 14.65 -17.93 7.10
CA ASN A 275 13.96 -18.60 6.00
C ASN A 275 14.83 -18.62 4.76
N PRO A 276 15.83 -19.50 4.75
CA PRO A 276 16.76 -19.55 3.62
C PRO A 276 16.05 -19.73 2.30
N GLY A 277 16.42 -18.95 1.30
CA GLY A 277 15.89 -19.08 -0.04
C GLY A 277 14.55 -18.41 -0.28
N ALA A 278 14.00 -17.76 0.73
CA ALA A 278 12.66 -17.16 0.63
C ALA A 278 12.54 -16.15 -0.49
N ASP A 279 11.40 -16.16 -1.17
N ASP A 279 11.41 -16.18 -1.18
CA ASP A 279 11.09 -15.17 -2.18
CA ASP A 279 11.06 -15.17 -2.18
C ASP A 279 10.71 -13.87 -1.47
C ASP A 279 10.72 -13.86 -1.46
N ILE A 280 11.22 -12.76 -1.99
CA ILE A 280 10.95 -11.41 -1.49
C ILE A 280 10.56 -10.55 -2.70
N ILE A 281 9.35 -10.02 -2.68
CA ILE A 281 8.82 -9.19 -3.76
C ILE A 281 8.98 -7.69 -3.52
N PHE A 282 9.30 -6.95 -4.57
CA PHE A 282 9.33 -5.48 -4.53
C PHE A 282 8.82 -4.99 -5.86
N ASP A 283 8.31 -3.77 -5.90
CA ASP A 283 7.83 -3.26 -7.17
C ASP A 283 8.92 -2.59 -7.99
N VAL A 284 8.56 -2.30 -9.24
CA VAL A 284 9.51 -1.73 -10.21
C VAL A 284 10.04 -0.34 -9.84
N LYS A 285 9.47 0.28 -8.82
CA LYS A 285 9.91 1.58 -8.32
C LYS A 285 11.05 1.49 -7.32
N CYS A 286 11.46 0.28 -6.91
CA CYS A 286 12.40 0.13 -5.81
C CYS A 286 13.86 0.04 -6.27
N THR A 287 14.76 0.46 -5.40
CA THR A 287 16.18 0.49 -5.71
C THR A 287 16.74 -0.88 -6.12
N ARG A 288 17.57 -0.85 -7.14
CA ARG A 288 18.35 -2.04 -7.53
C ARG A 288 19.20 -2.60 -6.39
N ARG A 289 19.56 -1.77 -5.42
CA ARG A 289 20.38 -2.20 -4.28
C ARG A 289 19.65 -3.24 -3.43
N LEU A 290 18.33 -3.13 -3.40
CA LEU A 290 17.52 -4.07 -2.64
C LEU A 290 17.63 -5.45 -3.33
N ILE A 291 17.71 -5.48 -4.65
CA ILE A 291 17.84 -6.72 -5.40
C ILE A 291 19.13 -7.53 -5.06
N ALA A 292 20.27 -6.85 -5.11
CA ALA A 292 21.53 -7.43 -4.71
C ALA A 292 21.56 -7.82 -3.24
N LEU A 293 20.96 -7.01 -2.37
CA LEU A 293 20.92 -7.33 -0.94
C LEU A 293 20.12 -8.60 -0.63
N ILE A 294 18.96 -8.77 -1.28
CA ILE A 294 18.19 -9.96 -1.06
C ILE A 294 18.97 -11.19 -1.50
N SER A 295 19.56 -11.14 -2.69
CA SER A 295 20.36 -12.23 -3.23
C SER A 295 21.54 -12.56 -2.31
N GLY A 296 22.20 -11.54 -1.78
CA GLY A 296 23.36 -11.73 -0.94
C GLY A 296 23.07 -12.47 0.35
N TYR A 297 21.85 -12.30 0.87
CA TYR A 297 21.46 -12.99 2.09
C TYR A 297 20.86 -14.36 1.80
N GLY A 298 20.84 -14.72 0.52
CA GLY A 298 20.32 -16.00 0.06
C GLY A 298 18.81 -16.04 -0.20
N GLY A 299 18.19 -14.89 -0.35
CA GLY A 299 16.80 -14.85 -0.76
C GLY A 299 16.68 -14.80 -2.27
N ARG A 300 15.45 -14.90 -2.75
CA ARG A 300 15.13 -14.88 -4.17
C ARG A 300 14.37 -13.59 -4.45
N PRO A 301 15.00 -12.61 -5.10
CA PRO A 301 14.34 -11.33 -5.37
C PRO A 301 13.36 -11.48 -6.54
N VAL A 302 12.15 -10.99 -6.35
CA VAL A 302 11.09 -11.04 -7.37
C VAL A 302 10.55 -9.62 -7.59
N MET A 303 10.87 -9.06 -8.73
CA MET A 303 10.39 -7.73 -9.10
C MET A 303 8.98 -7.90 -9.66
N TRP A 304 8.09 -7.01 -9.26
CA TRP A 304 6.73 -7.11 -9.76
C TRP A 304 6.09 -5.72 -9.92
N LYS A 305 4.85 -5.74 -10.37
CA LYS A 305 4.02 -4.55 -10.60
C LYS A 305 3.76 -3.75 -9.34
N THR A 306 3.69 -2.44 -9.50
CA THR A 306 3.13 -1.54 -8.51
C THR A 306 1.63 -1.85 -8.29
N GLY A 307 1.17 -1.74 -7.05
CA GLY A 307 -0.24 -1.86 -6.73
C GLY A 307 -0.51 -2.92 -5.69
N HIS A 308 -1.15 -2.55 -4.60
CA HIS A 308 -1.29 -3.47 -3.47
C HIS A 308 -1.93 -4.79 -3.86
N SER A 309 -3.04 -4.76 -4.60
CA SER A 309 -3.74 -5.99 -4.92
C SER A 309 -2.93 -6.87 -5.88
N LEU A 310 -2.13 -6.23 -6.75
CA LEU A 310 -1.26 -6.97 -7.67
C LEU A 310 -0.13 -7.65 -6.92
N ILE A 311 0.43 -6.96 -5.93
N ILE A 311 0.44 -6.97 -5.93
CA ILE A 311 1.47 -7.52 -5.07
CA ILE A 311 1.48 -7.57 -5.09
C ILE A 311 0.94 -8.71 -4.26
C ILE A 311 0.94 -8.71 -4.25
N LYS A 312 -0.26 -8.57 -3.71
CA LYS A 312 -0.85 -9.66 -2.93
C LYS A 312 -1.08 -10.91 -3.78
N LYS A 313 -1.54 -10.74 -5.02
CA LYS A 313 -1.71 -11.85 -5.95
C LYS A 313 -0.38 -12.53 -6.21
N LYS A 314 0.66 -11.73 -6.39
CA LYS A 314 1.98 -12.28 -6.67
C LYS A 314 2.54 -13.02 -5.48
N MET A 315 2.24 -12.55 -4.27
N MET A 315 2.25 -12.52 -4.27
CA MET A 315 2.70 -13.28 -3.08
CA MET A 315 2.60 -13.22 -3.02
C MET A 315 2.09 -14.67 -3.01
C MET A 315 2.09 -14.65 -3.05
N LYS A 316 0.81 -14.80 -3.40
CA LYS A 316 0.16 -16.11 -3.47
C LYS A 316 0.77 -16.99 -4.54
N GLU A 317 1.11 -16.42 -5.69
CA GLU A 317 1.67 -17.22 -6.77
C GLU A 317 3.07 -17.73 -6.48
N THR A 318 3.85 -16.98 -5.72
CA THR A 318 5.27 -17.29 -5.51
C THR A 318 5.57 -17.93 -4.17
N GLY A 319 4.66 -17.80 -3.23
CA GLY A 319 4.91 -18.17 -1.84
C GLY A 319 5.85 -17.20 -1.10
N ALA A 320 6.00 -15.99 -1.62
CA ALA A 320 6.87 -15.01 -1.00
C ALA A 320 6.54 -14.76 0.46
N LEU A 321 7.59 -14.60 1.27
CA LEU A 321 7.42 -14.38 2.69
C LEU A 321 7.33 -12.91 3.09
N LEU A 322 7.67 -12.03 2.15
CA LEU A 322 7.69 -10.60 2.36
C LEU A 322 7.57 -9.91 1.00
N ALA A 323 6.82 -8.82 0.96
CA ALA A 323 6.78 -7.94 -0.21
C ALA A 323 6.72 -6.49 0.25
N GLY A 324 7.18 -5.58 -0.60
CA GLY A 324 7.00 -4.17 -0.34
C GLY A 324 6.97 -3.39 -1.63
N GLU A 325 6.39 -2.20 -1.55
N GLU A 325 6.33 -2.22 -1.53
CA GLU A 325 6.47 -1.30 -2.68
CA GLU A 325 6.26 -1.23 -2.60
C GLU A 325 6.83 0.09 -2.22
C GLU A 325 6.97 0.05 -2.18
N MET A 326 7.36 0.86 -3.18
CA MET A 326 7.92 2.17 -2.87
C MET A 326 6.91 3.13 -2.22
N SER A 327 5.61 2.89 -2.44
CA SER A 327 4.58 3.72 -1.79
C SER A 327 4.42 3.48 -0.29
N GLY A 328 5.08 2.48 0.27
CA GLY A 328 5.05 2.25 1.71
C GLY A 328 4.13 1.15 2.18
N HIS A 329 3.50 0.42 1.25
CA HIS A 329 2.76 -0.79 1.56
C HIS A 329 3.80 -1.90 1.75
N VAL A 330 3.78 -2.51 2.93
CA VAL A 330 4.70 -3.61 3.29
C VAL A 330 3.88 -4.80 3.74
N PHE A 331 4.19 -5.97 3.18
CA PHE A 331 3.36 -7.16 3.26
C PHE A 331 4.15 -8.30 3.88
N PHE A 332 3.97 -8.58 5.17
CA PHE A 332 4.60 -9.73 5.82
C PHE A 332 3.72 -10.94 5.71
N LYS A 333 4.24 -12.04 5.15
CA LYS A 333 3.63 -13.36 5.30
C LYS A 333 4.29 -14.09 6.47
N GLU A 334 5.63 -14.01 6.60
CA GLU A 334 6.30 -14.66 7.73
C GLU A 334 5.78 -14.08 9.04
N ARG A 335 5.33 -14.98 9.94
CA ARG A 335 4.73 -14.64 11.23
C ARG A 335 3.42 -13.85 11.14
N TRP A 336 2.83 -13.81 9.94
CA TRP A 336 1.68 -12.96 9.70
C TRP A 336 0.79 -13.59 8.62
N PHE A 337 0.08 -12.77 7.84
CA PHE A 337 -0.99 -13.25 6.98
C PHE A 337 -0.81 -12.89 5.50
N GLY A 338 0.14 -12.04 5.18
CA GLY A 338 0.50 -11.73 3.81
C GLY A 338 -0.08 -10.45 3.27
N PHE A 339 -0.88 -9.75 4.06
CA PHE A 339 -1.43 -8.50 3.59
C PHE A 339 -0.61 -7.30 4.04
N ASP A 340 -0.83 -6.22 3.34
CA ASP A 340 -0.17 -4.94 3.65
C ASP A 340 -0.73 -4.34 4.94
N ASP A 341 0.18 -3.84 5.78
CA ASP A 341 -0.18 -3.41 7.13
C ASP A 341 0.92 -2.52 7.69
N GLY A 342 0.65 -1.22 7.77
CA GLY A 342 1.61 -0.25 8.27
C GLY A 342 1.86 -0.41 9.73
N ILE A 343 0.81 -0.81 10.45
CA ILE A 343 0.85 -0.90 11.93
C ILE A 343 1.70 -2.10 12.33
N TYR A 344 1.42 -3.23 11.71
CA TYR A 344 2.22 -4.41 11.91
C TYR A 344 3.67 -4.20 11.45
N SER A 345 3.85 -3.55 10.31
CA SER A 345 5.21 -3.26 9.83
C SER A 345 5.99 -2.39 10.82
N ALA A 346 5.33 -1.40 11.37
CA ALA A 346 5.93 -0.56 12.41
C ALA A 346 6.39 -1.40 13.59
N ALA A 347 5.55 -2.34 14.02
CA ALA A 347 5.90 -3.22 15.13
C ALA A 347 7.12 -4.06 14.77
N ARG A 348 7.17 -4.62 13.57
CA ARG A 348 8.28 -5.45 13.14
C ARG A 348 9.57 -4.62 13.09
N LEU A 349 9.46 -3.38 12.67
CA LEU A 349 10.61 -2.47 12.62
C LEU A 349 11.12 -2.18 14.03
N LEU A 350 10.21 -1.84 14.92
CA LEU A 350 10.61 -1.57 16.31
C LEU A 350 11.29 -2.78 16.94
N GLU A 351 10.78 -3.97 16.64
CA GLU A 351 11.41 -5.19 17.12
C GLU A 351 12.88 -5.27 16.72
N ILE A 352 13.13 -5.05 15.43
CA ILE A 352 14.49 -5.15 14.89
C ILE A 352 15.38 -4.06 15.48
N LEU A 353 14.88 -2.84 15.50
CA LEU A 353 15.70 -1.70 15.96
C LEU A 353 16.04 -1.82 17.43
N SER A 354 15.13 -2.37 18.21
CA SER A 354 15.35 -2.50 19.65
C SER A 354 16.45 -3.49 19.98
N GLN A 355 16.75 -4.40 19.05
CA GLN A 355 17.76 -5.43 19.25
C GLN A 355 19.14 -4.97 18.78
N ASP A 356 19.22 -3.73 18.32
CA ASP A 356 20.46 -3.14 17.84
C ASP A 356 20.90 -2.03 18.80
N GLN A 357 22.17 -2.05 19.21
CA GLN A 357 22.69 -1.04 20.12
C GLN A 357 22.85 0.34 19.45
N ARG A 358 22.94 0.37 18.12
CA ARG A 358 23.10 1.63 17.39
C ARG A 358 21.77 2.37 17.26
N ASP A 359 21.83 3.66 16.98
CA ASP A 359 20.61 4.44 16.72
C ASP A 359 20.04 4.08 15.35
N SER A 360 18.81 4.47 15.09
CA SER A 360 18.16 4.11 13.83
C SER A 360 18.86 4.75 12.63
N GLU A 361 19.44 5.93 12.82
CA GLU A 361 20.19 6.59 11.74
C GLU A 361 21.34 5.69 11.26
N HIS A 362 22.08 5.10 12.20
CA HIS A 362 23.24 4.28 11.83
C HIS A 362 22.85 2.89 11.32
N VAL A 363 21.76 2.33 11.84
CA VAL A 363 21.28 1.06 11.31
C VAL A 363 20.99 1.21 9.81
N PHE A 364 20.31 2.26 9.43
CA PHE A 364 19.92 2.42 8.04
C PHE A 364 21.06 2.95 7.18
N SER A 365 21.92 3.82 7.72
CA SER A 365 23.00 4.37 6.89
C SER A 365 24.06 3.33 6.56
N ALA A 366 24.06 2.20 7.26
CA ALA A 366 25.03 1.13 6.99
C ALA A 366 24.83 0.50 5.61
N PHE A 367 23.60 0.52 5.10
CA PHE A 367 23.27 -0.10 3.82
C PHE A 367 23.75 0.81 2.68
N PRO A 368 24.16 0.22 1.57
CA PRO A 368 24.58 1.04 0.42
C PRO A 368 23.47 1.96 -0.04
N SER A 369 23.86 3.13 -0.51
CA SER A 369 22.94 4.14 -0.97
C SER A 369 23.37 4.62 -2.33
N ASP A 370 22.38 4.99 -3.14
CA ASP A 370 22.64 5.63 -4.41
C ASP A 370 21.90 6.95 -4.46
N ILE A 371 22.20 7.71 -5.51
CA ILE A 371 21.54 8.98 -5.73
C ILE A 371 20.24 8.67 -6.46
N SER A 372 19.13 9.17 -5.93
CA SER A 372 17.86 8.93 -6.60
C SER A 372 16.98 10.15 -6.65
N THR A 373 16.06 10.12 -7.59
CA THR A 373 15.20 11.24 -7.88
C THR A 373 13.95 11.12 -7.04
N PRO A 374 13.31 12.25 -6.73
CA PRO A 374 11.92 12.20 -6.28
C PRO A 374 11.06 11.65 -7.44
N GLU A 375 10.02 10.89 -7.11
CA GLU A 375 9.14 10.33 -8.13
C GLU A 375 8.69 11.43 -9.06
N ILE A 376 8.79 11.18 -10.36
CA ILE A 376 8.43 12.15 -11.38
C ILE A 376 7.07 11.75 -11.94
N ASN A 377 6.21 12.73 -12.15
CA ASN A 377 4.92 12.52 -12.81
C ASN A 377 4.80 13.47 -14.00
N ILE A 378 4.32 12.94 -15.13
CA ILE A 378 3.98 13.76 -16.31
C ILE A 378 2.51 13.52 -16.59
N THR A 379 1.71 14.59 -16.61
CA THR A 379 0.29 14.43 -16.88
C THR A 379 0.08 14.26 -18.37
N VAL A 380 -0.58 13.16 -18.70
CA VAL A 380 -0.99 12.85 -20.06
C VAL A 380 -2.51 12.82 -20.07
N THR A 381 -3.14 11.89 -20.78
CA THR A 381 -4.59 11.69 -20.64
C THR A 381 -4.83 10.26 -20.19
N GLU A 382 -5.96 10.04 -19.56
CA GLU A 382 -6.30 8.71 -19.08
C GLU A 382 -6.36 7.75 -20.25
N ASP A 383 -6.86 8.22 -21.38
CA ASP A 383 -7.18 7.33 -22.49
C ASP A 383 -5.96 7.15 -23.43
N SER A 384 -4.83 7.80 -23.11
CA SER A 384 -3.61 7.64 -23.90
C SER A 384 -2.44 7.03 -23.12
N LYS A 385 -2.53 7.01 -21.80
CA LYS A 385 -1.34 6.69 -21.01
C LYS A 385 -0.87 5.26 -21.33
N PHE A 386 -1.79 4.34 -21.43
CA PHE A 386 -1.42 2.95 -21.71
C PHE A 386 -0.85 2.81 -23.13
N ALA A 387 -1.37 3.57 -24.09
CA ALA A 387 -0.83 3.53 -25.45
C ALA A 387 0.58 4.10 -25.55
N ILE A 388 0.91 5.12 -24.75
CA ILE A 388 2.27 5.65 -24.76
C ILE A 388 3.20 4.55 -24.31
N ILE A 389 2.81 3.85 -23.24
CA ILE A 389 3.63 2.75 -22.75
C ILE A 389 3.75 1.63 -23.78
N GLU A 390 2.66 1.29 -24.46
CA GLU A 390 2.69 0.26 -25.49
C GLU A 390 3.64 0.65 -26.61
N ALA A 391 3.61 1.92 -26.99
CA ALA A 391 4.48 2.44 -28.05
C ALA A 391 5.94 2.30 -27.63
N LEU A 392 6.26 2.61 -26.37
CA LEU A 392 7.62 2.42 -25.86
C LEU A 392 8.04 0.96 -25.88
N GLN A 393 7.15 0.08 -25.44
CA GLN A 393 7.43 -1.35 -25.43
C GLN A 393 7.66 -1.90 -26.83
N ARG A 394 6.98 -1.36 -27.84
CA ARG A 394 7.15 -1.77 -29.23
C ARG A 394 8.39 -1.15 -29.86
N ASP A 395 8.60 0.14 -29.63
CA ASP A 395 9.48 0.96 -30.49
C ASP A 395 10.82 1.33 -29.86
N ALA A 396 10.90 1.40 -28.53
CA ALA A 396 12.04 2.07 -27.89
C ALA A 396 13.31 1.24 -27.94
N GLN A 397 14.43 1.96 -27.89
CA GLN A 397 15.78 1.43 -27.83
C GLN A 397 16.45 2.04 -26.61
N TRP A 398 17.08 1.22 -25.78
CA TRP A 398 17.54 1.63 -24.44
C TRP A 398 19.04 1.52 -24.26
N GLY A 399 19.72 1.11 -25.30
CA GLY A 399 21.13 0.76 -25.19
C GLY A 399 21.31 -0.51 -24.39
N GLU A 400 22.54 -0.75 -24.00
CA GLU A 400 22.87 -1.97 -23.27
C GLU A 400 22.32 -1.92 -21.86
N GLY A 401 21.51 -2.92 -21.51
CA GLY A 401 20.92 -3.00 -20.19
C GLY A 401 19.93 -4.15 -20.09
N ASN A 402 19.46 -4.42 -18.88
CA ASN A 402 18.47 -5.46 -18.62
C ASN A 402 17.10 -4.78 -18.61
N ILE A 403 16.29 -5.11 -19.61
CA ILE A 403 15.00 -4.47 -19.85
C ILE A 403 13.90 -5.33 -19.25
N THR A 404 13.00 -4.71 -18.47
CA THR A 404 11.85 -5.34 -17.86
C THR A 404 10.61 -4.60 -18.32
N THR A 405 9.65 -5.31 -18.93
CA THR A 405 8.40 -4.68 -19.36
C THR A 405 7.18 -5.22 -18.65
N LEU A 406 7.36 -5.81 -17.48
CA LEU A 406 6.20 -6.32 -16.75
C LEU A 406 5.28 -5.20 -16.24
N ASP A 407 5.83 -4.00 -16.02
CA ASP A 407 5.07 -2.81 -15.65
C ASP A 407 5.75 -1.57 -16.25
N GLY A 408 5.30 -1.20 -17.44
CA GLY A 408 5.95 -0.12 -18.17
C GLY A 408 7.26 -0.60 -18.78
N VAL A 409 8.30 0.23 -18.69
CA VAL A 409 9.64 -0.17 -19.08
C VAL A 409 10.60 0.27 -17.98
N ARG A 410 11.31 -0.68 -17.40
CA ARG A 410 12.42 -0.40 -16.51
C ARG A 410 13.67 -0.95 -17.17
N VAL A 411 14.76 -0.19 -17.13
CA VAL A 411 16.03 -0.66 -17.64
C VAL A 411 17.05 -0.55 -16.55
N ASP A 412 17.71 -1.67 -16.27
CA ASP A 412 18.75 -1.71 -15.26
C ASP A 412 20.12 -1.76 -15.93
N TYR A 413 20.90 -0.74 -15.66
CA TYR A 413 22.23 -0.57 -16.21
C TYR A 413 23.24 -0.99 -15.13
N PRO A 414 24.51 -1.14 -15.50
CA PRO A 414 25.53 -1.49 -14.50
C PRO A 414 25.57 -0.52 -13.29
N LYS A 415 25.35 0.78 -13.51
CA LYS A 415 25.54 1.78 -12.45
C LYS A 415 24.26 2.50 -12.05
N GLY A 416 23.11 2.05 -12.55
CA GLY A 416 21.87 2.72 -12.22
C GLY A 416 20.70 2.13 -12.98
N TRP A 417 19.54 2.74 -12.81
CA TRP A 417 18.35 2.29 -13.51
C TRP A 417 17.39 3.44 -13.74
N GLY A 418 16.45 3.19 -14.66
CA GLY A 418 15.36 4.09 -14.93
C GLY A 418 14.08 3.33 -15.17
N LEU A 419 12.95 4.00 -14.93
CA LEU A 419 11.62 3.43 -15.08
C LEU A 419 10.68 4.49 -15.66
N VAL A 420 9.83 4.05 -16.59
CA VAL A 420 8.62 4.78 -16.97
C VAL A 420 7.44 3.81 -16.99
N ARG A 421 6.33 4.20 -16.37
CA ARG A 421 5.14 3.37 -16.34
C ARG A 421 3.93 4.26 -16.20
N ALA A 422 2.78 3.72 -16.50
CA ALA A 422 1.52 4.43 -16.34
C ALA A 422 1.03 4.24 -14.92
N SER A 423 0.64 5.34 -14.26
CA SER A 423 -0.09 5.26 -13.01
C SER A 423 -1.45 4.61 -13.23
N ASN A 424 -1.87 3.81 -12.25
CA ASN A 424 -3.22 3.26 -12.24
C ASN A 424 -4.16 3.99 -11.26
N THR A 425 -3.73 5.15 -10.75
CA THR A 425 -4.56 5.96 -9.82
C THR A 425 -4.78 7.38 -10.29
N THR A 426 -4.01 7.79 -11.29
CA THR A 426 -4.04 9.14 -11.84
C THR A 426 -3.67 9.10 -13.33
N PRO A 427 -4.03 10.14 -14.09
CA PRO A 427 -3.74 10.19 -15.53
C PRO A 427 -2.32 10.67 -15.87
N VAL A 428 -1.35 9.93 -15.37
CA VAL A 428 0.03 10.35 -15.47
C VAL A 428 0.98 9.20 -15.82
N LEU A 429 2.12 9.57 -16.39
CA LEU A 429 3.28 8.70 -16.45
C LEU A 429 4.11 8.92 -15.19
N VAL A 430 4.58 7.83 -14.61
CA VAL A 430 5.42 7.83 -13.42
C VAL A 430 6.83 7.42 -13.84
N LEU A 431 7.82 8.19 -13.42
CA LEU A 431 9.21 7.85 -13.68
C LEU A 431 10.03 7.89 -12.42
N ARG A 432 11.05 7.04 -12.39
CA ARG A 432 12.06 7.09 -11.34
C ARG A 432 13.42 6.82 -11.94
N PHE A 433 14.44 7.43 -11.34
CA PHE A 433 15.81 7.23 -11.76
C PHE A 433 16.70 7.16 -10.53
N GLU A 434 17.72 6.32 -10.63
CA GLU A 434 18.68 6.18 -9.57
C GLU A 434 20.00 5.75 -10.18
N ALA A 435 21.11 6.24 -9.62
CA ALA A 435 22.43 5.86 -10.10
C ALA A 435 23.49 6.08 -9.03
N ASP A 436 24.64 5.46 -9.25
CA ASP A 436 25.78 5.57 -8.33
C ASP A 436 26.38 6.96 -8.33
N THR A 437 26.30 7.65 -9.47
CA THR A 437 26.83 9.01 -9.60
C THR A 437 25.83 9.92 -10.29
N GLU A 438 26.00 11.23 -10.11
CA GLU A 438 25.20 12.23 -10.80
C GLU A 438 25.37 12.13 -12.31
N GLU A 439 26.59 11.82 -12.76
CA GLU A 439 26.90 11.70 -14.17
C GLU A 439 26.09 10.58 -14.82
N GLU A 440 26.02 9.44 -14.15
CA GLU A 440 25.23 8.31 -14.65
C GLU A 440 23.74 8.62 -14.60
N LEU A 441 23.30 9.28 -13.52
CA LEU A 441 21.90 9.64 -13.38
C LEU A 441 21.48 10.45 -14.59
N GLU A 442 22.31 11.41 -14.97
CA GLU A 442 22.00 12.28 -16.11
C GLU A 442 22.05 11.52 -17.42
N ARG A 443 22.97 10.55 -17.56
CA ARG A 443 23.01 9.75 -18.76
C ARG A 443 21.72 8.95 -18.94
N ILE A 444 21.25 8.34 -17.86
CA ILE A 444 20.04 7.51 -17.93
C ILE A 444 18.85 8.43 -18.25
N LYS A 445 18.78 9.59 -17.59
CA LYS A 445 17.68 10.52 -17.82
C LYS A 445 17.66 10.92 -19.27
N THR A 446 18.82 11.17 -19.87
CA THR A 446 18.87 11.51 -21.29
C THR A 446 18.35 10.38 -22.19
N VAL A 447 18.69 9.14 -21.89
CA VAL A 447 18.17 8.01 -22.64
C VAL A 447 16.63 8.04 -22.62
N PHE A 448 16.06 8.19 -21.43
CA PHE A 448 14.60 8.17 -21.28
C PHE A 448 13.93 9.37 -21.92
N ARG A 449 14.54 10.55 -21.78
CA ARG A 449 14.02 11.76 -22.41
C ARG A 449 13.90 11.53 -23.91
N ASN A 450 14.97 11.01 -24.51
CA ASN A 450 15.01 10.80 -25.96
C ASN A 450 14.07 9.74 -26.44
N GLN A 451 13.86 8.69 -25.64
CA GLN A 451 12.91 7.64 -26.03
C GLN A 451 11.44 8.10 -25.93
N LEU A 452 11.13 8.90 -24.92
CA LEU A 452 9.81 9.53 -24.85
C LEU A 452 9.60 10.43 -26.06
N LYS A 453 10.60 11.23 -26.42
CA LYS A 453 10.47 12.13 -27.56
C LYS A 453 10.36 11.38 -28.88
N ALA A 454 10.94 10.21 -28.96
CA ALA A 454 10.86 9.40 -30.18
C ALA A 454 9.45 8.89 -30.42
N VAL A 455 8.74 8.56 -29.34
CA VAL A 455 7.33 8.15 -29.42
C VAL A 455 6.44 9.35 -29.75
N ASP A 456 6.62 10.44 -29.03
CA ASP A 456 5.85 11.66 -29.22
C ASP A 456 6.75 12.86 -28.88
N SER A 457 7.22 13.56 -29.90
CA SER A 457 8.12 14.71 -29.72
C SER A 457 7.51 15.84 -28.90
N SER A 458 6.18 15.83 -28.79
CA SER A 458 5.45 16.81 -28.00
C SER A 458 5.31 16.50 -26.50
N LEU A 459 5.66 15.30 -26.05
CA LEU A 459 5.54 14.98 -24.62
C LEU A 459 6.42 15.88 -23.76
N PRO A 460 5.89 16.34 -22.63
CA PRO A 460 6.71 17.06 -21.66
C PRO A 460 7.80 16.13 -21.15
N VAL A 461 8.99 16.64 -20.97
CA VAL A 461 10.06 15.86 -20.36
C VAL A 461 10.65 16.74 -19.26
N PRO A 462 9.91 16.85 -18.15
CA PRO A 462 10.23 17.80 -17.08
C PRO A 462 11.18 17.19 -16.06
N PHE A 463 12.25 16.59 -16.57
CA PHE A 463 13.27 15.97 -15.74
C PHE A 463 14.59 16.00 -16.51
#